data_7ZVM
#
_entry.id   7ZVM
#
_cell.length_a   48.482
_cell.length_b   52.410
_cell.length_c   112.868
_cell.angle_alpha   90.000
_cell.angle_beta   90.000
_cell.angle_gamma   90.000
#
_symmetry.space_group_name_H-M   'I 2 2 2'
#
loop_
_entity.id
_entity.type
_entity.pdbx_description
1 polymer 'Mannose-6-phosphate isomerase'
2 non-polymer 'MAGNESIUM ION'
3 water water
#
_entity_poly.entity_id   1
_entity_poly.type   'polypeptide(L)'
_entity_poly.pdbx_seq_one_letter_code
;MKAEIKEFIDRGTYRKAPLFEGELPEGSYAQIVEIKPKQTVPKHYHEKQYELFYIISGQAKLGIEEREYDAKPGDIFLVK
PKTVHWVVNKKEEPFRLFVIKLNYFGDDSVWLE
;
_entity_poly.pdbx_strand_id   A
#
loop_
_chem_comp.id
_chem_comp.type
_chem_comp.name
_chem_comp.formula
MG non-polymer 'MAGNESIUM ION' 'Mg 2'
#
# COMPACT_ATOMS: atom_id res chain seq x y z
N ILE A 9 2.02 -13.45 4.93
CA ILE A 9 0.62 -13.45 5.57
C ILE A 9 -0.49 -13.04 4.58
N ASP A 10 -1.53 -13.86 4.47
CA ASP A 10 -2.64 -13.62 3.51
C ASP A 10 -3.65 -12.61 4.04
N ARG A 11 -4.05 -11.63 3.23
CA ARG A 11 -5.07 -10.61 3.56
C ARG A 11 -6.08 -10.53 2.39
N GLY A 12 -6.31 -11.63 1.68
CA GLY A 12 -7.37 -11.75 0.65
C GLY A 12 -6.97 -11.16 -0.71
N THR A 13 -6.97 -9.84 -0.85
CA THR A 13 -6.59 -9.15 -2.11
C THR A 13 -5.08 -8.89 -2.15
N TYR A 14 -4.37 -9.09 -1.05
CA TYR A 14 -2.90 -8.89 -0.96
C TYR A 14 -2.32 -9.81 0.09
N ARG A 15 -1.00 -9.99 0.07
CA ARG A 15 -0.22 -10.68 1.09
C ARG A 15 0.75 -9.67 1.69
N LYS A 16 1.13 -9.83 2.95
CA LYS A 16 2.06 -8.88 3.58
C LYS A 16 3.12 -9.65 4.37
N ALA A 17 4.31 -9.09 4.44
CA ALA A 17 5.42 -9.59 5.27
C ALA A 17 5.93 -8.40 6.08
N PRO A 18 5.78 -8.41 7.40
CA PRO A 18 6.32 -7.36 8.26
C PRO A 18 7.84 -7.35 8.17
N LEU A 19 8.41 -6.16 8.23
CA LEU A 19 9.89 -6.01 8.26
C LEU A 19 10.31 -5.41 9.59
N PHE A 20 11.35 -5.96 10.21
CA PHE A 20 11.89 -5.47 11.49
C PHE A 20 10.79 -5.33 12.53
N GLU A 21 9.92 -6.33 12.57
CA GLU A 21 8.73 -6.31 13.43
C GLU A 21 9.19 -6.01 14.86
N GLY A 22 8.68 -4.91 15.48
CA GLY A 22 8.97 -4.59 16.88
C GLY A 22 10.27 -3.81 17.07
N GLU A 23 11.02 -3.54 16.02
CA GLU A 23 12.33 -2.87 16.15
C GLU A 23 12.22 -1.42 15.74
N LEU A 24 11.13 -1.03 15.06
CA LEU A 24 10.93 0.37 14.62
C LEU A 24 10.34 1.19 15.77
N PRO A 25 10.57 2.53 15.80
CA PRO A 25 10.02 3.36 16.85
C PRO A 25 8.48 3.40 16.79
N GLU A 26 7.88 3.57 17.95
CA GLU A 26 6.40 3.73 18.08
C GLU A 26 5.91 4.77 17.07
N GLY A 27 4.89 4.38 16.28
CA GLY A 27 4.37 5.29 15.26
C GLY A 27 4.81 4.89 13.87
N SER A 28 5.68 3.91 13.73
CA SER A 28 6.21 3.57 12.41
C SER A 28 6.07 2.06 12.24
N TYR A 29 5.95 1.64 10.99
CA TYR A 29 5.79 0.23 10.66
C TYR A 29 6.30 0.04 9.23
N ALA A 30 6.85 -1.12 8.96
CA ALA A 30 7.36 -1.41 7.61
C ALA A 30 6.96 -2.81 7.18
N GLN A 31 6.68 -2.95 5.90
CA GLN A 31 6.29 -4.27 5.39
C GLN A 31 6.50 -4.32 3.88
N ILE A 32 6.55 -5.55 3.40
CA ILE A 32 6.43 -5.87 1.97
C ILE A 32 4.97 -6.20 1.75
N VAL A 33 4.40 -5.60 0.74
CA VAL A 33 3.04 -5.97 0.32
C VAL A 33 3.11 -6.57 -1.10
N GLU A 34 2.33 -7.62 -1.36
CA GLU A 34 2.12 -8.03 -2.76
C GLU A 34 0.63 -8.07 -3.02
N ILE A 35 0.20 -7.19 -3.91
CA ILE A 35 -1.18 -7.15 -4.43
C ILE A 35 -1.28 -8.36 -5.36
N LYS A 36 -2.27 -9.20 -5.19
CA LYS A 36 -2.31 -10.48 -5.93
C LYS A 36 -2.59 -10.22 -7.42
N PRO A 37 -2.29 -11.24 -8.27
CA PRO A 37 -2.57 -11.18 -9.68
C PRO A 37 -4.00 -10.71 -9.95
N LYS A 38 -4.12 -9.72 -10.81
CA LYS A 38 -5.39 -9.27 -11.43
C LYS A 38 -6.33 -8.67 -10.39
N GLN A 39 -5.88 -8.39 -9.18
CA GLN A 39 -6.77 -7.99 -8.08
C GLN A 39 -6.85 -6.46 -7.97
N THR A 40 -8.03 -6.00 -7.60
CA THR A 40 -8.30 -4.61 -7.20
C THR A 40 -8.30 -4.54 -5.67
N VAL A 41 -7.55 -3.57 -5.16
CA VAL A 41 -7.68 -3.13 -3.75
C VAL A 41 -8.54 -1.88 -3.80
N PRO A 42 -9.79 -1.99 -3.28
CA PRO A 42 -10.75 -0.93 -3.48
C PRO A 42 -10.48 0.33 -2.64
N LYS A 43 -11.25 1.34 -2.95
CA LYS A 43 -11.12 2.69 -2.35
C LYS A 43 -11.21 2.60 -0.83
N HIS A 44 -10.24 3.21 -0.20
CA HIS A 44 -10.15 3.33 1.27
C HIS A 44 -9.24 4.51 1.61
N TYR A 45 -9.40 4.98 2.82
CA TYR A 45 -8.46 5.97 3.38
C TYR A 45 -8.12 5.59 4.81
N HIS A 46 -7.01 6.15 5.27
CA HIS A 46 -6.54 6.03 6.67
C HIS A 46 -6.87 7.32 7.42
N GLU A 47 -7.32 7.19 8.66
CA GLU A 47 -7.65 8.38 9.50
C GLU A 47 -6.38 9.15 9.86
N LYS A 48 -5.27 8.48 10.18
CA LYS A 48 -4.11 9.16 10.85
C LYS A 48 -2.80 8.91 10.07
N GLN A 49 -2.64 7.68 9.58
CA GLN A 49 -1.32 7.24 9.07
C GLN A 49 -1.03 7.82 7.69
N TYR A 50 0.25 8.00 7.45
CA TYR A 50 0.83 8.30 6.13
C TYR A 50 1.43 6.99 5.59
N GLU A 51 1.40 6.79 4.29
CA GLU A 51 2.04 5.59 3.70
C GLU A 51 2.98 6.02 2.60
N LEU A 52 4.20 5.58 2.71
CA LEU A 52 5.21 5.70 1.66
C LEU A 52 5.34 4.35 0.99
N PHE A 53 5.32 4.33 -0.31
CA PHE A 53 5.34 3.08 -1.13
C PHE A 53 6.52 3.23 -2.11
N TYR A 54 7.37 2.22 -2.17
CA TYR A 54 8.41 2.02 -3.18
C TYR A 54 7.98 0.82 -4.00
N ILE A 55 7.81 0.99 -5.31
CA ILE A 55 7.36 -0.15 -6.17
C ILE A 55 8.58 -1.04 -6.49
N ILE A 56 8.53 -2.30 -6.03
CA ILE A 56 9.61 -3.28 -6.27
C ILE A 56 9.41 -3.92 -7.63
N SER A 57 8.23 -4.47 -7.90
CA SER A 57 8.02 -5.24 -9.14
C SER A 57 6.53 -5.32 -9.48
N GLY A 58 6.29 -5.55 -10.75
CA GLY A 58 4.95 -5.51 -11.35
C GLY A 58 4.55 -4.12 -11.81
N GLN A 59 3.31 -4.02 -12.27
CA GLN A 59 2.72 -2.78 -12.75
C GLN A 59 1.28 -2.76 -12.30
N ALA A 60 0.82 -1.59 -11.92
CA ALA A 60 -0.60 -1.41 -11.53
C ALA A 60 -1.06 0.01 -11.75
N LYS A 61 -2.36 0.19 -11.80
CA LYS A 61 -2.97 1.51 -11.65
C LYS A 61 -3.07 1.79 -10.15
N LEU A 62 -2.50 2.89 -9.72
CA LEU A 62 -2.53 3.32 -8.32
C LEU A 62 -3.30 4.63 -8.28
N GLY A 63 -4.39 4.66 -7.54
CA GLY A 63 -5.22 5.85 -7.40
C GLY A 63 -4.95 6.52 -6.05
N ILE A 64 -4.73 7.81 -6.11
CA ILE A 64 -4.57 8.72 -4.96
C ILE A 64 -5.45 9.94 -5.21
N GLU A 65 -6.49 10.06 -4.40
CA GLU A 65 -7.43 11.20 -4.45
C GLU A 65 -8.13 11.18 -5.82
N GLU A 66 -7.86 12.15 -6.69
CA GLU A 66 -8.53 12.23 -8.01
C GLU A 66 -7.62 11.69 -9.11
N ARG A 67 -6.37 11.35 -8.81
CA ARG A 67 -5.37 10.96 -9.86
C ARG A 67 -5.19 9.43 -9.88
N GLU A 68 -5.12 8.85 -11.07
CA GLU A 68 -4.71 7.44 -11.23
C GLU A 68 -3.33 7.51 -11.89
N TYR A 69 -2.37 6.78 -11.35
CA TYR A 69 -0.98 6.68 -11.85
C TYR A 69 -0.71 5.30 -12.43
N ASP A 70 0.11 5.25 -13.46
CA ASP A 70 0.67 3.96 -13.97
C ASP A 70 1.92 3.67 -13.15
N ALA A 71 1.76 2.96 -12.06
CA ALA A 71 2.83 2.60 -11.10
C ALA A 71 3.70 1.49 -11.67
N LYS A 72 5.01 1.73 -11.73
CA LYS A 72 6.01 0.84 -12.31
C LYS A 72 7.17 0.75 -11.32
N PRO A 73 8.03 -0.29 -11.44
CA PRO A 73 9.14 -0.48 -10.52
C PRO A 73 10.04 0.77 -10.42
N GLY A 74 10.38 1.17 -9.19
CA GLY A 74 11.20 2.35 -8.91
C GLY A 74 10.39 3.56 -8.58
N ASP A 75 9.09 3.52 -8.82
CA ASP A 75 8.25 4.68 -8.52
C ASP A 75 8.09 4.76 -7.00
N ILE A 76 7.90 5.95 -6.49
CA ILE A 76 7.69 6.17 -5.03
C ILE A 76 6.47 7.07 -4.89
N PHE A 77 5.58 6.73 -3.99
CA PHE A 77 4.36 7.47 -3.76
C PHE A 77 4.25 7.76 -2.26
N LEU A 78 3.50 8.80 -1.97
CA LEU A 78 3.09 9.15 -0.59
C LEU A 78 1.56 9.24 -0.55
N VAL A 79 0.95 8.51 0.36
CA VAL A 79 -0.50 8.64 0.58
C VAL A 79 -0.67 9.25 1.96
N LYS A 80 -1.22 10.46 1.97
CA LYS A 80 -1.42 11.25 3.19
C LYS A 80 -2.70 10.75 3.83
N PRO A 81 -2.85 11.02 5.13
CA PRO A 81 -4.04 10.65 5.87
C PRO A 81 -5.29 11.23 5.23
N LYS A 82 -6.41 10.54 5.40
CA LYS A 82 -7.74 10.99 4.88
C LYS A 82 -7.67 11.30 3.38
N THR A 83 -6.88 10.53 2.67
CA THR A 83 -6.74 10.55 1.21
C THR A 83 -7.17 9.20 0.66
N VAL A 84 -8.19 9.22 -0.16
CA VAL A 84 -8.64 7.94 -0.75
C VAL A 84 -7.53 7.40 -1.67
N HIS A 85 -7.42 6.10 -1.69
CA HIS A 85 -6.49 5.41 -2.58
C HIS A 85 -6.97 4.01 -2.86
N TRP A 86 -6.43 3.51 -3.96
CA TRP A 86 -6.84 2.18 -4.46
C TRP A 86 -5.79 1.68 -5.42
N VAL A 87 -5.86 0.39 -5.77
CA VAL A 87 -4.87 -0.17 -6.71
C VAL A 87 -5.63 -1.10 -7.60
N VAL A 88 -5.31 -1.07 -8.87
CA VAL A 88 -5.82 -2.11 -9.80
C VAL A 88 -4.60 -2.79 -10.42
N ASN A 89 -4.38 -4.05 -10.03
CA ASN A 89 -3.35 -4.92 -10.68
C ASN A 89 -3.99 -5.56 -11.93
N LYS A 90 -3.68 -5.09 -13.13
CA LYS A 90 -4.23 -5.72 -14.35
C LYS A 90 -3.32 -6.85 -14.82
N LYS A 91 -2.15 -7.09 -14.19
CA LYS A 91 -1.24 -8.17 -14.67
C LYS A 91 -1.37 -9.45 -13.82
N GLU A 92 -0.88 -10.53 -14.41
CA GLU A 92 -0.79 -11.89 -13.81
C GLU A 92 0.36 -11.92 -12.78
N GLU A 93 1.32 -10.98 -12.82
CA GLU A 93 2.41 -10.86 -11.83
C GLU A 93 1.88 -10.18 -10.57
N PRO A 94 2.31 -10.60 -9.36
CA PRO A 94 2.03 -9.80 -8.19
C PRO A 94 2.61 -8.38 -8.35
N PHE A 95 1.90 -7.42 -7.78
CA PHE A 95 2.35 -6.02 -7.64
C PHE A 95 3.00 -5.88 -6.28
N ARG A 96 4.33 -5.80 -6.26
CA ARG A 96 5.11 -5.88 -5.00
C ARG A 96 5.66 -4.50 -4.61
N LEU A 97 5.41 -4.12 -3.38
CA LEU A 97 5.90 -2.82 -2.89
C LEU A 97 6.42 -2.90 -1.47
N PHE A 98 7.33 -1.97 -1.22
CA PHE A 98 7.92 -1.76 0.10
C PHE A 98 7.12 -0.60 0.68
N VAL A 99 6.50 -0.84 1.83
CA VAL A 99 5.54 0.10 2.47
C VAL A 99 6.12 0.54 3.82
N ILE A 100 6.18 1.84 4.01
CA ILE A 100 6.50 2.43 5.35
C ILE A 100 5.29 3.22 5.81
N LYS A 101 4.78 2.88 6.99
CA LYS A 101 3.67 3.61 7.59
C LYS A 101 4.24 4.55 8.64
N LEU A 102 3.76 5.78 8.63
CA LEU A 102 4.20 6.83 9.55
C LEU A 102 2.97 7.40 10.25
N ASN A 103 3.16 7.87 11.48
CA ASN A 103 2.03 8.31 12.31
C ASN A 103 1.03 7.14 12.41
N TYR A 104 1.55 5.93 12.63
CA TYR A 104 0.82 4.66 12.59
C TYR A 104 0.65 4.10 13.99
N PHE A 105 -0.62 3.92 14.41
CA PHE A 105 -0.98 3.50 15.79
C PHE A 105 -1.97 2.32 15.73
N GLY A 106 -2.05 1.65 14.59
CA GLY A 106 -2.97 0.52 14.39
C GLY A 106 -3.90 0.75 13.22
N ASP A 107 -4.72 -0.25 12.91
CA ASP A 107 -5.57 -0.24 11.70
C ASP A 107 -6.48 0.98 11.84
N ASP A 108 -6.45 1.88 10.87
CA ASP A 108 -7.27 3.11 10.88
C ASP A 108 -7.92 3.26 9.50
N SER A 109 -8.14 2.14 8.81
CA SER A 109 -8.66 2.09 7.43
C SER A 109 -10.17 2.25 7.44
N VAL A 110 -10.65 3.10 6.59
CA VAL A 110 -12.09 3.24 6.26
C VAL A 110 -12.25 2.71 4.83
N TRP A 111 -12.99 1.63 4.68
CA TRP A 111 -13.28 1.02 3.35
C TRP A 111 -14.57 1.57 2.79
N LEU A 112 -14.63 1.96 1.52
CA LEU A 112 -15.86 2.54 0.88
C LEU A 112 -16.65 1.57 -0.03
MG MG B . -3.33 2.22 2.31
#